data_9CHK
#
_entry.id   9CHK
#
_cell.length_a   52.250
_cell.length_b   58.960
_cell.length_c   59.230
_cell.angle_alpha   95.77
_cell.angle_beta   112.61
_cell.angle_gamma   93.88
#
_symmetry.space_group_name_H-M   'P 1'
#
loop_
_entity.id
_entity.type
_entity.pdbx_description
1 polymer 'TP-methylase family protein'
2 polymer 'Extradiol ring-cleavage dioxygenase LigAB LigA subunit domain-containing protein'
3 non-polymer S-ADENOSYLMETHIONINE
4 non-polymer GLYCEROL
5 water water
#
loop_
_entity_poly.entity_id
_entity_poly.type
_entity_poly.pdbx_seq_one_letter_code
_entity_poly.pdbx_strand_id
1 'polypeptide(L)'
;MGSLVCVGTGLQLAGQISVLSRSYIEHADIVFSLLPDGFSQRWLTKLNPNVINLQQFYAQNGEVKNRRDTYEQMVNAILD
AVRAGKKTVCALYGHPGVFACVSHMAITRAKAEGFSAKMEPGISAEACLWADLGIDPGNSGHQSFEASQFMFFNHVPDPT
THLLLWQIAIAGEHTLTQFHTSSDRLQILVEQLNQWYPLDHEVVIYEAANLPIQAPRIERLPLANLPQAHLMPISTLLIP
PAKKLEYNYAILAKLGIGPEDLG
;
A,C
2 'polypeptide(L)' MHHHHHHMSGLSDFFTQLGQDAQLMEDYKQNPEAVMRAHGLTDEQINAVMTGDMEKLKTLSGDSSYQSALVISHGNGD B,D
#
# COMPACT_ATOMS: atom_id res chain seq x y z
N GLY A 2 5.28 28.34 -6.99
CA GLY A 2 4.41 27.38 -6.29
C GLY A 2 4.92 25.95 -6.49
N SER A 3 4.32 25.01 -5.75
CA SER A 3 4.74 23.62 -5.80
C SER A 3 3.57 22.73 -5.38
N LEU A 4 3.68 21.45 -5.73
CA LEU A 4 2.63 20.49 -5.42
C LEU A 4 3.22 19.24 -4.76
N VAL A 5 2.59 18.83 -3.66
CA VAL A 5 2.84 17.53 -3.05
C VAL A 5 1.50 16.86 -2.80
N CYS A 6 1.32 15.68 -3.37
CA CYS A 6 0.13 14.88 -3.14
C CYS A 6 0.44 13.78 -2.12
N VAL A 7 -0.35 13.74 -1.04
CA VAL A 7 -0.16 12.80 0.04
C VAL A 7 -1.43 11.99 0.24
N GLY A 8 -1.28 10.83 0.87
CA GLY A 8 -2.41 10.01 1.27
C GLY A 8 -2.62 10.07 2.78
N THR A 9 -3.87 9.93 3.21
CA THR A 9 -4.19 9.96 4.63
C THR A 9 -4.49 8.55 5.14
N GLY A 10 -4.35 7.53 4.29
CA GLY A 10 -4.75 6.19 4.67
C GLY A 10 -6.26 6.09 4.78
N LEU A 11 -6.77 5.03 5.42
CA LEU A 11 -8.21 4.82 5.49
CA LEU A 11 -8.21 4.81 5.49
C LEU A 11 -8.74 5.12 6.88
N GLN A 12 -7.95 4.79 7.92
CA GLN A 12 -8.37 5.04 9.29
C GLN A 12 -8.10 6.49 9.67
N LEU A 13 -9.01 7.06 10.46
CA LEU A 13 -8.91 8.43 10.96
C LEU A 13 -7.61 8.66 11.73
N ALA A 14 -6.87 9.70 11.30
CA ALA A 14 -5.83 10.37 12.07
C ALA A 14 -4.51 9.60 12.14
N GLY A 15 -4.58 8.27 12.37
CA GLY A 15 -3.39 7.53 12.76
C GLY A 15 -2.70 6.80 11.59
N GLN A 16 -3.32 6.78 10.42
CA GLN A 16 -2.83 5.93 9.34
C GLN A 16 -2.07 6.75 8.29
N ILE A 17 -1.98 8.06 8.50
CA ILE A 17 -1.13 8.91 7.68
C ILE A 17 0.32 8.72 8.12
N SER A 18 1.26 8.84 7.17
CA SER A 18 2.66 8.75 7.52
C SER A 18 3.09 10.02 8.25
N VAL A 19 4.15 9.90 9.06
CA VAL A 19 4.65 11.02 9.83
C VAL A 19 5.02 12.17 8.88
N LEU A 20 5.71 11.86 7.78
CA LEU A 20 6.18 12.91 6.88
C LEU A 20 4.98 13.55 6.17
N SER A 21 4.00 12.73 5.79
CA SER A 21 2.85 13.24 5.06
C SER A 21 2.04 14.21 5.92
N ARG A 22 1.91 13.87 7.20
CA ARG A 22 1.25 14.77 8.16
CA ARG A 22 1.24 14.78 8.13
C ARG A 22 1.99 16.13 8.22
N SER A 23 3.32 16.04 8.21
CA SER A 23 4.15 17.23 8.27
C SER A 23 3.91 18.09 7.02
N TYR A 24 3.78 17.46 5.86
CA TYR A 24 3.52 18.20 4.63
C TYR A 24 2.22 19.00 4.76
N ILE A 25 1.19 18.35 5.31
CA ILE A 25 -0.10 18.99 5.48
C ILE A 25 0.04 20.18 6.42
N GLU A 26 0.72 19.96 7.55
CA GLU A 26 0.91 20.99 8.57
C GLU A 26 1.52 22.25 7.96
N HIS A 27 2.54 22.05 7.11
CA HIS A 27 3.32 23.18 6.61
C HIS A 27 2.80 23.76 5.29
N ALA A 28 1.73 23.19 4.74
CA ALA A 28 1.22 23.65 3.45
C ALA A 28 0.64 25.06 3.55
N ASP A 29 0.72 25.82 2.45
CA ASP A 29 0.01 27.08 2.33
C ASP A 29 -1.49 26.81 2.21
N ILE A 30 -1.82 25.75 1.47
CA ILE A 30 -3.21 25.40 1.19
C ILE A 30 -3.29 23.89 0.98
N VAL A 31 -4.43 23.31 1.38
CA VAL A 31 -4.65 21.87 1.25
C VAL A 31 -5.95 21.64 0.51
N PHE A 32 -5.88 20.79 -0.53
CA PHE A 32 -7.05 20.28 -1.24
C PHE A 32 -7.30 18.86 -0.76
N SER A 33 -8.51 18.60 -0.24
CA SER A 33 -8.80 17.36 0.45
C SER A 33 -9.86 16.55 -0.28
N LEU A 34 -9.72 15.23 -0.18
CA LEU A 34 -10.80 14.30 -0.49
C LEU A 34 -10.77 13.18 0.54
N LEU A 35 -11.61 13.31 1.57
CA LEU A 35 -11.53 12.45 2.74
C LEU A 35 -12.83 11.68 2.92
N PRO A 36 -12.81 10.57 3.70
CA PRO A 36 -13.97 9.69 3.82
C PRO A 36 -15.21 10.23 4.52
N ASP A 37 -15.04 11.15 5.47
CA ASP A 37 -16.14 11.55 6.33
C ASP A 37 -15.83 12.85 7.06
N GLY A 38 -16.81 13.29 7.87
CA GLY A 38 -16.73 14.56 8.58
C GLY A 38 -15.70 14.54 9.72
N PHE A 39 -15.43 13.34 10.26
CA PHE A 39 -14.45 13.22 11.35
C PHE A 39 -13.05 13.47 10.81
N SER A 40 -12.75 12.90 9.64
CA SER A 40 -11.47 13.12 9.01
CA SER A 40 -11.48 13.11 8.96
C SER A 40 -11.37 14.57 8.54
N GLN A 41 -12.51 15.14 8.09
CA GLN A 41 -12.49 16.52 7.65
C GLN A 41 -12.10 17.44 8.81
N ARG A 42 -12.63 17.16 10.01
CA ARG A 42 -12.38 18.00 11.16
C ARG A 42 -10.92 17.86 11.58
N TRP A 43 -10.43 16.62 11.60
CA TRP A 43 -9.05 16.32 11.92
C TRP A 43 -8.11 17.15 11.02
N LEU A 44 -8.43 17.17 9.72
CA LEU A 44 -7.58 17.86 8.76
C LEU A 44 -7.57 19.36 9.05
N THR A 45 -8.76 19.93 9.30
CA THR A 45 -8.88 21.37 9.43
C THR A 45 -8.14 21.84 10.68
N LYS A 46 -8.03 20.96 11.70
CA LYS A 46 -7.30 21.30 12.91
C LYS A 46 -5.80 21.32 12.61
N LEU A 47 -5.38 20.47 11.68
CA LEU A 47 -3.97 20.33 11.32
C LEU A 47 -3.55 21.53 10.47
N ASN A 48 -4.44 21.97 9.58
CA ASN A 48 -4.20 23.11 8.71
C ASN A 48 -5.56 23.70 8.33
N PRO A 49 -5.88 24.94 8.75
CA PRO A 49 -7.23 25.47 8.52
C PRO A 49 -7.53 25.87 7.07
N ASN A 50 -6.48 26.02 6.26
CA ASN A 50 -6.64 26.48 4.89
CA ASN A 50 -6.61 26.48 4.88
C ASN A 50 -6.92 25.30 3.97
N VAL A 51 -8.16 24.79 4.05
CA VAL A 51 -8.55 23.60 3.31
C VAL A 51 -9.63 23.94 2.28
N ILE A 52 -9.45 23.39 1.08
CA ILE A 52 -10.48 23.38 0.04
C ILE A 52 -10.91 21.93 -0.15
N ASN A 53 -12.20 21.68 0.06
CA ASN A 53 -12.77 20.34 -0.01
C ASN A 53 -13.13 20.04 -1.46
N LEU A 54 -12.46 19.04 -2.05
CA LEU A 54 -12.66 18.67 -3.44
C LEU A 54 -14.05 18.06 -3.65
N GLN A 55 -14.70 17.64 -2.57
CA GLN A 55 -16.00 16.98 -2.66
C GLN A 55 -16.97 17.86 -3.44
N GLN A 56 -16.77 19.18 -3.37
CA GLN A 56 -17.69 20.14 -3.95
C GLN A 56 -17.84 19.92 -5.45
N PHE A 57 -16.87 19.23 -6.08
CA PHE A 57 -16.84 19.13 -7.53
C PHE A 57 -17.66 17.93 -8.02
N TYR A 58 -18.11 17.08 -7.10
CA TYR A 58 -19.05 16.03 -7.47
C TYR A 58 -20.41 16.66 -7.74
N ALA A 59 -21.24 15.96 -8.52
CA ALA A 59 -22.60 16.39 -8.80
C ALA A 59 -23.32 16.68 -7.48
N GLN A 60 -23.97 17.84 -7.40
CA GLN A 60 -24.34 18.42 -6.12
C GLN A 60 -25.84 18.27 -5.83
N ASN A 61 -26.68 18.42 -6.83
CA ASN A 61 -28.12 18.53 -6.59
C ASN A 61 -28.91 17.64 -7.55
N GLY A 62 -28.43 16.41 -7.75
CA GLY A 62 -29.08 15.47 -8.65
C GLY A 62 -28.73 15.76 -10.11
N GLU A 63 -27.79 16.69 -10.32
CA GLU A 63 -27.29 17.00 -11.65
C GLU A 63 -26.75 15.74 -12.28
N VAL A 64 -26.88 15.65 -13.61
CA VAL A 64 -26.15 14.66 -14.39
C VAL A 64 -24.78 15.24 -14.73
N LYS A 65 -23.73 14.56 -14.27
CA LYS A 65 -22.38 15.06 -14.48
C LYS A 65 -21.45 13.87 -14.69
N ASN A 66 -20.70 13.90 -15.80
CA ASN A 66 -19.71 12.90 -16.11
C ASN A 66 -18.55 13.03 -15.12
N ARG A 67 -18.15 11.89 -14.57
CA ARG A 67 -17.15 11.88 -13.52
C ARG A 67 -15.83 12.46 -14.03
N ARG A 68 -15.58 12.33 -15.34
CA ARG A 68 -14.35 12.84 -15.93
C ARG A 68 -14.29 14.35 -15.75
N ASP A 69 -15.46 15.00 -15.78
CA ASP A 69 -15.56 16.44 -15.66
C ASP A 69 -15.28 16.87 -14.22
N THR A 70 -15.80 16.10 -13.25
CA THR A 70 -15.49 16.31 -11.85
C THR A 70 -13.98 16.28 -11.64
N TYR A 71 -13.32 15.26 -12.18
CA TYR A 71 -11.90 15.07 -11.95
C TYR A 71 -11.11 16.22 -12.57
N GLU A 72 -11.50 16.63 -13.78
CA GLU A 72 -10.83 17.72 -14.46
C GLU A 72 -10.95 19.00 -13.63
N GLN A 73 -12.11 19.21 -13.01
CA GLN A 73 -12.34 20.43 -12.24
C GLN A 73 -11.50 20.39 -10.97
N MET A 74 -11.33 19.20 -10.40
CA MET A 74 -10.49 19.03 -9.22
C MET A 74 -9.05 19.38 -9.58
N VAL A 75 -8.56 18.83 -10.69
CA VAL A 75 -7.18 19.04 -11.12
C VAL A 75 -6.95 20.53 -11.35
N ASN A 76 -7.93 21.19 -12.01
CA ASN A 76 -7.79 22.60 -12.34
C ASN A 76 -7.75 23.44 -11.07
N ALA A 77 -8.57 23.07 -10.07
CA ALA A 77 -8.58 23.76 -8.79
C ALA A 77 -7.21 23.71 -8.14
N ILE A 78 -6.62 22.51 -8.11
CA ILE A 78 -5.32 22.29 -7.50
C ILE A 78 -4.27 23.12 -8.24
N LEU A 79 -4.27 23.04 -9.57
CA LEU A 79 -3.26 23.71 -10.38
C LEU A 79 -3.37 25.22 -10.25
N ASP A 80 -4.59 25.74 -10.09
CA ASP A 80 -4.77 27.17 -9.92
C ASP A 80 -4.01 27.66 -8.69
N ALA A 81 -4.00 26.87 -7.62
CA ALA A 81 -3.27 27.24 -6.42
C ALA A 81 -1.77 27.22 -6.68
N VAL A 82 -1.31 26.19 -7.39
CA VAL A 82 0.11 26.05 -7.70
C VAL A 82 0.55 27.23 -8.58
N ARG A 83 -0.24 27.51 -9.62
CA ARG A 83 0.07 28.56 -10.57
C ARG A 83 0.14 29.92 -9.88
N ALA A 84 -0.69 30.11 -8.86
CA ALA A 84 -0.77 31.38 -8.15
C ALA A 84 0.43 31.57 -7.23
N GLY A 85 1.15 30.48 -6.94
CA GLY A 85 2.41 30.56 -6.20
C GLY A 85 2.36 29.85 -4.85
N LYS A 86 1.28 29.10 -4.58
CA LYS A 86 1.09 28.50 -3.28
C LYS A 86 1.84 27.18 -3.16
N LYS A 87 2.38 26.93 -1.97
CA LYS A 87 2.89 25.63 -1.58
C LYS A 87 1.68 24.74 -1.30
N THR A 88 1.32 23.94 -2.30
CA THR A 88 0.03 23.26 -2.35
C THR A 88 0.20 21.81 -1.98
N VAL A 89 -0.68 21.32 -1.11
CA VAL A 89 -0.74 19.90 -0.80
C VAL A 89 -2.14 19.39 -1.14
N CYS A 90 -2.19 18.23 -1.80
N CYS A 90 -2.18 18.26 -1.84
CA CYS A 90 -3.43 17.50 -2.05
CA CYS A 90 -3.39 17.49 -2.00
C CYS A 90 -3.43 16.27 -1.15
C CYS A 90 -3.35 16.33 -1.02
N ALA A 91 -4.44 16.19 -0.27
CA ALA A 91 -4.55 15.12 0.70
C ALA A 91 -5.77 14.27 0.35
N LEU A 92 -5.48 13.08 -0.21
CA LEU A 92 -6.49 12.13 -0.64
C LEU A 92 -6.48 10.95 0.33
N TYR A 93 -7.65 10.34 0.53
CA TYR A 93 -7.72 9.18 1.40
C TYR A 93 -6.97 8.04 0.72
N GLY A 94 -6.43 7.15 1.57
CA GLY A 94 -5.70 5.98 1.11
C GLY A 94 -4.30 6.37 0.62
N HIS A 95 -3.94 5.80 -0.53
CA HIS A 95 -2.75 6.16 -1.27
C HIS A 95 -3.19 7.06 -2.42
N PRO A 96 -2.58 8.25 -2.60
CA PRO A 96 -3.12 9.23 -3.55
C PRO A 96 -3.01 8.82 -5.01
N GLY A 97 -2.28 7.72 -5.28
CA GLY A 97 -2.03 7.30 -6.65
C GLY A 97 -2.59 5.90 -6.96
N VAL A 98 -3.41 5.36 -6.05
CA VAL A 98 -3.96 4.02 -6.24
C VAL A 98 -5.47 4.14 -6.54
N PHE A 99 -5.85 3.73 -7.76
CA PHE A 99 -7.22 3.88 -8.22
C PHE A 99 -7.67 5.32 -7.96
N ALA A 100 -6.82 6.26 -8.38
CA ALA A 100 -7.04 7.68 -8.18
C ALA A 100 -6.29 8.44 -9.28
N CYS A 101 -7.03 9.15 -10.13
N CYS A 101 -7.06 9.13 -10.13
CA CYS A 101 -6.42 9.76 -11.30
CA CYS A 101 -6.51 9.78 -11.31
C CYS A 101 -6.07 11.23 -11.03
C CYS A 101 -6.07 11.20 -11.01
N VAL A 102 -6.72 11.85 -10.04
CA VAL A 102 -6.59 13.28 -9.85
C VAL A 102 -5.15 13.66 -9.53
N SER A 103 -4.49 12.93 -8.63
CA SER A 103 -3.14 13.28 -8.23
C SER A 103 -2.17 13.07 -9.39
N HIS A 104 -2.27 11.93 -10.08
CA HIS A 104 -1.40 11.65 -11.20
C HIS A 104 -1.56 12.73 -12.26
N MET A 105 -2.81 13.11 -12.54
CA MET A 105 -3.12 14.11 -13.54
C MET A 105 -2.54 15.46 -13.13
N ALA A 106 -2.72 15.83 -11.86
CA ALA A 106 -2.26 17.12 -11.37
C ALA A 106 -0.74 17.17 -11.42
N ILE A 107 -0.09 16.07 -11.06
CA ILE A 107 1.36 16.03 -11.07
C ILE A 107 1.89 16.15 -12.51
N THR A 108 1.29 15.40 -13.43
CA THR A 108 1.67 15.48 -14.84
C THR A 108 1.55 16.93 -15.33
N ARG A 109 0.41 17.57 -15.04
CA ARG A 109 0.14 18.91 -15.55
C ARG A 109 1.08 19.92 -14.90
N ALA A 110 1.34 19.77 -13.61
CA ALA A 110 2.21 20.70 -12.90
C ALA A 110 3.62 20.64 -13.46
N LYS A 111 4.13 19.43 -13.71
CA LYS A 111 5.45 19.25 -14.26
C LYS A 111 5.52 19.86 -15.66
N ALA A 112 4.48 19.64 -16.46
CA ALA A 112 4.43 20.16 -17.82
C ALA A 112 4.52 21.68 -17.81
N GLU A 113 4.06 22.30 -16.72
CA GLU A 113 3.99 23.75 -16.63
C GLU A 113 5.22 24.30 -15.90
N GLY A 114 6.14 23.41 -15.50
CA GLY A 114 7.43 23.81 -14.99
C GLY A 114 7.45 23.92 -13.47
N PHE A 115 6.47 23.31 -12.80
CA PHE A 115 6.37 23.36 -11.34
C PHE A 115 6.90 22.06 -10.75
N SER A 116 7.48 22.17 -9.55
CA SER A 116 7.85 21.02 -8.74
C SER A 116 6.60 20.29 -8.28
N ALA A 117 6.55 18.98 -8.51
CA ALA A 117 5.39 18.19 -8.13
C ALA A 117 5.82 16.76 -7.81
N LYS A 118 5.31 16.24 -6.69
CA LYS A 118 5.64 14.88 -6.29
C LYS A 118 4.48 14.24 -5.53
N MET A 119 4.52 12.91 -5.50
CA MET A 119 3.55 12.09 -4.81
C MET A 119 4.25 11.34 -3.68
N GLU A 120 3.66 11.40 -2.49
CA GLU A 120 4.08 10.58 -1.37
C GLU A 120 3.14 9.39 -1.24
N PRO A 121 3.67 8.15 -1.15
CA PRO A 121 2.82 6.98 -0.99
C PRO A 121 2.07 7.02 0.33
N GLY A 122 0.91 6.35 0.34
CA GLY A 122 0.14 6.16 1.55
C GLY A 122 -0.37 4.72 1.64
N ILE A 123 -1.18 4.46 2.67
CA ILE A 123 -1.73 3.15 2.91
C ILE A 123 -3.08 3.04 2.20
N SER A 124 -3.16 2.12 1.22
CA SER A 124 -4.33 1.97 0.36
C SER A 124 -5.32 0.95 0.94
N ALA A 125 -6.48 0.85 0.31
CA ALA A 125 -7.50 -0.10 0.70
C ALA A 125 -6.96 -1.54 0.65
N GLU A 126 -6.11 -1.84 -0.34
CA GLU A 126 -5.61 -3.19 -0.49
C GLU A 126 -4.58 -3.48 0.60
N ALA A 127 -3.81 -2.47 0.98
CA ALA A 127 -2.89 -2.61 2.11
C ALA A 127 -3.67 -3.00 3.36
N CYS A 128 -4.83 -2.38 3.57
CA CYS A 128 -5.69 -2.69 4.70
C CYS A 128 -6.26 -4.11 4.57
N LEU A 129 -6.62 -4.51 3.35
CA LEU A 129 -7.22 -5.81 3.12
C LEU A 129 -6.25 -6.92 3.55
N TRP A 130 -4.98 -6.84 3.13
CA TRP A 130 -4.02 -7.88 3.45
C TRP A 130 -3.95 -8.08 4.97
N ALA A 131 -3.91 -6.97 5.71
CA ALA A 131 -3.79 -7.03 7.16
C ALA A 131 -5.06 -7.61 7.79
N ASP A 132 -6.23 -7.12 7.35
CA ASP A 132 -7.49 -7.49 7.98
C ASP A 132 -7.86 -8.95 7.70
N LEU A 133 -7.53 -9.44 6.50
CA LEU A 133 -7.90 -10.80 6.12
C LEU A 133 -6.76 -11.79 6.40
N GLY A 134 -5.59 -11.28 6.77
CA GLY A 134 -4.43 -12.13 7.03
C GLY A 134 -4.00 -12.87 5.77
N ILE A 135 -3.97 -12.14 4.65
CA ILE A 135 -3.55 -12.68 3.36
C ILE A 135 -2.31 -11.95 2.89
N ASP A 136 -1.31 -12.73 2.47
CA ASP A 136 -0.12 -12.19 1.81
C ASP A 136 -0.34 -12.21 0.31
N PRO A 137 -0.23 -11.06 -0.40
CA PRO A 137 -0.38 -11.05 -1.86
C PRO A 137 0.64 -11.96 -2.56
N GLY A 138 1.76 -12.24 -1.89
CA GLY A 138 2.83 -13.03 -2.46
C GLY A 138 2.57 -14.54 -2.37
N ASN A 139 1.56 -14.93 -1.57
CA ASN A 139 1.34 -16.34 -1.27
C ASN A 139 1.09 -17.10 -2.56
N SER A 140 0.13 -16.62 -3.36
CA SER A 140 -0.14 -17.22 -4.66
C SER A 140 -0.30 -16.12 -5.70
N GLY A 141 0.10 -14.90 -5.33
CA GLY A 141 0.07 -13.77 -6.23
C GLY A 141 -1.19 -12.93 -6.02
N HIS A 142 -1.21 -11.76 -6.67
N HIS A 142 -1.19 -11.75 -6.65
CA HIS A 142 -2.32 -10.83 -6.53
CA HIS A 142 -2.38 -10.89 -6.56
C HIS A 142 -2.55 -10.12 -7.86
C HIS A 142 -2.56 -10.08 -7.84
N GLN A 143 -3.83 -9.87 -8.17
CA GLN A 143 -4.20 -9.07 -9.33
C GLN A 143 -5.31 -8.10 -8.94
N SER A 144 -5.22 -6.88 -9.48
CA SER A 144 -6.24 -5.87 -9.26
C SER A 144 -6.73 -5.32 -10.60
N PHE A 145 -8.05 -5.15 -10.72
CA PHE A 145 -8.65 -4.45 -11.84
C PHE A 145 -9.83 -3.62 -11.33
N GLU A 146 -10.10 -2.50 -12.02
CA GLU A 146 -11.35 -1.79 -11.84
C GLU A 146 -12.45 -2.64 -12.46
N ALA A 147 -13.59 -2.76 -11.75
CA ALA A 147 -14.60 -3.74 -12.13
C ALA A 147 -15.18 -3.42 -13.51
N SER A 148 -15.48 -2.13 -13.76
CA SER A 148 -16.04 -1.72 -15.03
CA SER A 148 -16.04 -1.72 -15.03
C SER A 148 -15.03 -1.97 -16.15
N GLN A 149 -13.75 -1.74 -15.88
CA GLN A 149 -12.73 -1.92 -16.90
C GLN A 149 -12.65 -3.40 -17.27
N PHE A 150 -12.84 -4.26 -16.27
CA PHE A 150 -12.85 -5.70 -16.47
C PHE A 150 -13.98 -6.09 -17.42
N MET A 151 -15.08 -5.33 -17.40
CA MET A 151 -16.25 -5.64 -18.20
C MET A 151 -16.12 -5.06 -19.61
N PHE A 152 -15.54 -3.87 -19.73
CA PHE A 152 -15.59 -3.10 -20.97
C PHE A 152 -14.41 -3.42 -21.87
N PHE A 153 -13.33 -3.93 -21.28
CA PHE A 153 -12.08 -4.23 -21.98
C PHE A 153 -11.69 -5.68 -21.72
N ASN A 154 -10.72 -6.16 -22.51
CA ASN A 154 -10.32 -7.56 -22.44
C ASN A 154 -9.27 -7.76 -21.35
N HIS A 155 -9.71 -8.40 -20.26
CA HIS A 155 -8.84 -8.76 -19.16
C HIS A 155 -9.06 -10.23 -18.82
N VAL A 156 -7.95 -10.94 -18.56
CA VAL A 156 -8.02 -12.34 -18.20
C VAL A 156 -7.36 -12.52 -16.83
N PRO A 157 -8.13 -12.93 -15.80
CA PRO A 157 -7.56 -13.15 -14.48
C PRO A 157 -6.84 -14.50 -14.41
N ASP A 158 -5.84 -14.57 -13.55
CA ASP A 158 -5.20 -15.82 -13.19
C ASP A 158 -5.92 -16.39 -11.96
N PRO A 159 -6.70 -17.47 -12.10
CA PRO A 159 -7.53 -17.97 -11.00
C PRO A 159 -6.80 -18.71 -9.89
N THR A 160 -5.46 -18.70 -9.94
CA THR A 160 -4.66 -19.20 -8.83
C THR A 160 -4.34 -18.07 -7.85
N THR A 161 -4.59 -16.82 -8.26
CA THR A 161 -4.20 -15.66 -7.47
C THR A 161 -5.38 -15.17 -6.63
N HIS A 162 -5.10 -14.20 -5.74
CA HIS A 162 -6.14 -13.38 -5.16
C HIS A 162 -6.46 -12.25 -6.12
N LEU A 163 -7.73 -12.15 -6.52
CA LEU A 163 -8.20 -11.17 -7.47
C LEU A 163 -9.03 -10.11 -6.75
N LEU A 164 -8.68 -8.84 -6.96
CA LEU A 164 -9.42 -7.72 -6.40
CA LEU A 164 -9.43 -7.72 -6.39
C LEU A 164 -10.13 -6.98 -7.53
N LEU A 165 -11.46 -6.82 -7.38
CA LEU A 165 -12.23 -5.96 -8.27
C LEU A 165 -12.62 -4.70 -7.51
N TRP A 166 -12.02 -3.58 -7.90
CA TRP A 166 -12.24 -2.30 -7.25
C TRP A 166 -13.47 -1.61 -7.87
N GLN A 167 -14.10 -0.72 -7.11
CA GLN A 167 -15.22 0.05 -7.62
C GLN A 167 -16.33 -0.90 -8.08
N ILE A 168 -16.58 -1.94 -7.29
CA ILE A 168 -17.56 -2.96 -7.63
C ILE A 168 -18.96 -2.35 -7.63
N ALA A 169 -19.19 -1.32 -6.82
CA ALA A 169 -20.53 -0.77 -6.67
C ALA A 169 -21.00 -0.08 -7.94
N ILE A 170 -20.07 0.25 -8.86
CA ILE A 170 -20.44 0.90 -10.10
C ILE A 170 -20.08 0.02 -11.29
N ALA A 171 -19.92 -1.29 -11.05
CA ALA A 171 -19.55 -2.22 -12.10
C ALA A 171 -20.53 -2.14 -13.28
N GLY A 172 -20.00 -1.78 -14.44
CA GLY A 172 -20.75 -1.83 -15.69
C GLY A 172 -21.56 -0.55 -15.93
N GLU A 173 -21.41 0.44 -15.04
CA GLU A 173 -22.13 1.70 -15.18
C GLU A 173 -21.37 2.58 -16.17
N HIS A 174 -21.81 2.58 -17.43
CA HIS A 174 -20.97 2.99 -18.54
C HIS A 174 -20.93 4.50 -18.70
N THR A 175 -21.90 5.22 -18.11
CA THR A 175 -22.05 6.66 -18.36
C THR A 175 -21.11 7.47 -17.48
N LEU A 176 -20.69 6.91 -16.34
CA LEU A 176 -19.86 7.63 -15.39
C LEU A 176 -20.65 8.76 -14.74
N THR A 177 -21.96 8.53 -14.55
CA THR A 177 -22.85 9.60 -14.15
C THR A 177 -23.69 9.17 -12.95
N GLN A 178 -23.53 7.90 -12.53
CA GLN A 178 -24.27 7.35 -11.40
C GLN A 178 -23.29 6.86 -10.35
N PHE A 179 -23.75 6.70 -9.11
CA PHE A 179 -22.86 6.30 -8.03
C PHE A 179 -23.13 4.84 -7.67
N HIS A 180 -24.07 4.20 -8.37
CA HIS A 180 -24.30 2.78 -8.21
C HIS A 180 -24.71 2.17 -9.55
N THR A 181 -24.61 0.84 -9.62
CA THR A 181 -24.98 0.09 -10.80
C THR A 181 -26.31 -0.62 -10.54
N SER A 182 -26.63 -1.60 -11.39
CA SER A 182 -27.87 -2.34 -11.26
C SER A 182 -27.57 -3.82 -11.06
N SER A 183 -28.56 -4.56 -10.53
CA SER A 183 -28.43 -5.99 -10.30
C SER A 183 -28.17 -6.70 -11.63
N ASP A 184 -28.80 -6.21 -12.70
CA ASP A 184 -28.67 -6.81 -14.02
C ASP A 184 -27.22 -6.77 -14.48
N ARG A 185 -26.54 -5.63 -14.26
CA ARG A 185 -25.16 -5.48 -14.64
C ARG A 185 -24.28 -6.42 -13.82
N LEU A 186 -24.58 -6.55 -12.53
CA LEU A 186 -23.80 -7.41 -11.67
C LEU A 186 -23.96 -8.88 -12.11
N GLN A 187 -25.16 -9.23 -12.59
CA GLN A 187 -25.42 -10.59 -13.06
C GLN A 187 -24.56 -10.89 -14.29
N ILE A 188 -24.41 -9.89 -15.17
CA ILE A 188 -23.57 -10.03 -16.34
C ILE A 188 -22.11 -10.23 -15.90
N LEU A 189 -21.69 -9.51 -14.85
CA LEU A 189 -20.35 -9.67 -14.34
C LEU A 189 -20.17 -11.09 -13.79
N VAL A 190 -21.19 -11.59 -13.09
CA VAL A 190 -21.14 -12.93 -12.53
C VAL A 190 -20.95 -13.95 -13.65
N GLU A 191 -21.75 -13.83 -14.71
CA GLU A 191 -21.68 -14.76 -15.83
C GLU A 191 -20.30 -14.68 -16.48
N GLN A 192 -19.77 -13.47 -16.59
CA GLN A 192 -18.44 -13.25 -17.16
C GLN A 192 -17.39 -13.97 -16.31
N LEU A 193 -17.46 -13.77 -15.00
CA LEU A 193 -16.48 -14.34 -14.10
C LEU A 193 -16.57 -15.86 -14.08
N ASN A 194 -17.73 -16.40 -14.46
CA ASN A 194 -17.99 -17.84 -14.40
C ASN A 194 -17.13 -18.55 -15.43
N GLN A 195 -16.42 -17.80 -16.29
CA GLN A 195 -15.43 -18.37 -17.18
C GLN A 195 -14.31 -19.04 -16.37
N TRP A 196 -14.07 -18.56 -15.15
CA TRP A 196 -12.95 -19.05 -14.34
C TRP A 196 -13.39 -19.46 -12.94
N TYR A 197 -14.51 -18.91 -12.46
CA TYR A 197 -14.92 -19.11 -11.08
C TYR A 197 -16.30 -19.76 -11.04
N PRO A 198 -16.47 -20.89 -10.32
CA PRO A 198 -17.78 -21.50 -10.13
C PRO A 198 -18.77 -20.54 -9.47
N LEU A 199 -20.06 -20.75 -9.76
CA LEU A 199 -21.10 -19.89 -9.25
C LEU A 199 -21.17 -19.98 -7.73
N ASP A 200 -20.71 -21.10 -7.16
CA ASP A 200 -20.75 -21.28 -5.72
C ASP A 200 -19.42 -20.86 -5.07
N HIS A 201 -18.50 -20.32 -5.86
CA HIS A 201 -17.20 -19.89 -5.36
C HIS A 201 -17.41 -18.79 -4.31
N GLU A 202 -16.81 -18.97 -3.13
CA GLU A 202 -16.92 -17.96 -2.08
C GLU A 202 -16.10 -16.73 -2.45
N VAL A 203 -16.76 -15.57 -2.44
CA VAL A 203 -16.11 -14.28 -2.62
C VAL A 203 -16.32 -13.45 -1.36
N VAL A 204 -15.64 -12.31 -1.28
CA VAL A 204 -15.65 -11.50 -0.07
C VAL A 204 -15.88 -10.05 -0.45
N ILE A 205 -16.94 -9.44 0.11
CA ILE A 205 -17.10 -8.00 0.04
C ILE A 205 -16.36 -7.41 1.22
N TYR A 206 -15.35 -6.58 0.92
CA TYR A 206 -14.48 -6.02 1.94
C TYR A 206 -14.64 -4.50 2.00
N GLU A 207 -14.78 -4.00 3.23
CA GLU A 207 -14.70 -2.58 3.49
C GLU A 207 -13.79 -2.35 4.71
N ALA A 208 -12.64 -1.73 4.45
CA ALA A 208 -11.77 -1.26 5.52
C ALA A 208 -12.51 -0.23 6.35
N ALA A 209 -12.31 -0.28 7.67
CA ALA A 209 -12.86 0.70 8.59
C ALA A 209 -12.21 2.06 8.40
N ASN A 210 -13.00 3.12 8.59
CA ASN A 210 -12.50 4.48 8.51
C ASN A 210 -12.41 5.11 9.90
N LEU A 211 -13.04 4.49 10.90
CA LEU A 211 -13.05 5.01 12.26
C LEU A 211 -12.45 3.98 13.20
N PRO A 212 -11.79 4.44 14.30
CA PRO A 212 -11.10 3.53 15.21
C PRO A 212 -11.97 2.59 16.02
N ILE A 213 -13.28 2.89 16.09
CA ILE A 213 -14.23 2.11 16.88
C ILE A 213 -14.99 1.14 15.97
N GLN A 214 -14.60 1.10 14.69
CA GLN A 214 -15.37 0.42 13.66
C GLN A 214 -14.63 -0.84 13.21
N ALA A 215 -15.37 -1.94 13.07
CA ALA A 215 -14.84 -3.17 12.51
C ALA A 215 -14.94 -3.13 10.99
N PRO A 216 -13.99 -3.77 10.27
CA PRO A 216 -14.09 -3.87 8.81
C PRO A 216 -15.29 -4.74 8.45
N ARG A 217 -15.84 -4.49 7.26
CA ARG A 217 -16.80 -5.41 6.68
C ARG A 217 -16.03 -6.51 5.97
N ILE A 218 -16.30 -7.76 6.35
CA ILE A 218 -15.72 -8.92 5.71
C ILE A 218 -16.84 -9.92 5.47
N GLU A 219 -17.58 -9.70 4.37
CA GLU A 219 -18.81 -10.45 4.12
C GLU A 219 -18.54 -11.53 3.08
N ARG A 220 -18.70 -12.79 3.49
CA ARG A 220 -18.51 -13.93 2.62
C ARG A 220 -19.84 -14.37 2.01
N LEU A 221 -19.83 -14.62 0.70
CA LEU A 221 -21.02 -15.05 0.00
C LEU A 221 -20.60 -15.78 -1.27
N PRO A 222 -21.44 -16.68 -1.81
CA PRO A 222 -21.18 -17.27 -3.12
C PRO A 222 -21.25 -16.20 -4.20
N LEU A 223 -20.42 -16.35 -5.23
CA LEU A 223 -20.39 -15.42 -6.35
C LEU A 223 -21.81 -15.18 -6.88
N ALA A 224 -22.60 -16.25 -6.95
CA ALA A 224 -23.92 -16.18 -7.56
C ALA A 224 -24.80 -15.14 -6.87
N ASN A 225 -24.49 -14.80 -5.61
CA ASN A 225 -25.36 -13.95 -4.82
C ASN A 225 -24.92 -12.49 -4.88
N LEU A 226 -23.85 -12.20 -5.64
CA LEU A 226 -23.30 -10.87 -5.70
C LEU A 226 -24.38 -9.87 -6.12
N PRO A 227 -25.20 -10.17 -7.15
CA PRO A 227 -26.17 -9.20 -7.67
C PRO A 227 -27.23 -8.73 -6.67
N GLN A 228 -27.40 -9.47 -5.57
CA GLN A 228 -28.39 -9.12 -4.56
C GLN A 228 -27.72 -8.47 -3.35
N ALA A 229 -26.39 -8.40 -3.35
CA ALA A 229 -25.65 -7.92 -2.20
C ALA A 229 -25.78 -6.40 -2.07
N HIS A 230 -25.64 -5.92 -0.83
CA HIS A 230 -25.62 -4.50 -0.55
C HIS A 230 -24.20 -4.00 -0.73
N LEU A 231 -23.99 -3.13 -1.73
CA LEU A 231 -22.68 -2.63 -2.05
C LEU A 231 -22.64 -1.12 -1.78
N MET A 232 -21.46 -0.65 -1.35
CA MET A 232 -21.24 0.76 -1.08
C MET A 232 -20.14 1.25 -2.01
N PRO A 233 -20.06 2.57 -2.25
CA PRO A 233 -18.93 3.14 -3.00
C PRO A 233 -17.56 2.63 -2.53
N ILE A 234 -17.45 2.31 -1.23
CA ILE A 234 -16.17 1.94 -0.66
C ILE A 234 -15.93 0.44 -0.73
N SER A 235 -16.87 -0.33 -1.26
CA SER A 235 -16.73 -1.79 -1.31
C SER A 235 -15.67 -2.19 -2.33
N THR A 236 -14.84 -3.16 -1.93
CA THR A 236 -13.96 -3.87 -2.85
C THR A 236 -14.33 -5.35 -2.81
N LEU A 237 -14.35 -5.98 -3.99
CA LEU A 237 -14.64 -7.40 -4.08
C LEU A 237 -13.34 -8.20 -4.15
N LEU A 238 -13.18 -9.13 -3.20
CA LEU A 238 -12.07 -10.07 -3.20
C LEU A 238 -12.56 -11.42 -3.71
N ILE A 239 -11.87 -11.94 -4.73
CA ILE A 239 -12.17 -13.24 -5.29
C ILE A 239 -10.96 -14.14 -5.05
N PRO A 240 -10.98 -14.98 -3.98
CA PRO A 240 -9.86 -15.86 -3.68
C PRO A 240 -9.66 -16.87 -4.80
N PRO A 241 -8.50 -17.56 -4.82
CA PRO A 241 -8.20 -18.53 -5.87
C PRO A 241 -9.26 -19.62 -5.99
N ALA A 242 -9.55 -20.00 -7.24
CA ALA A 242 -10.43 -21.14 -7.52
C ALA A 242 -9.62 -22.36 -7.91
N LYS A 243 -8.32 -22.17 -8.14
CA LYS A 243 -7.47 -23.23 -8.68
C LYS A 243 -6.16 -23.28 -7.89
N LYS A 244 -5.68 -24.49 -7.63
CA LYS A 244 -4.40 -24.69 -6.95
C LYS A 244 -3.27 -24.53 -7.98
N LEU A 245 -2.08 -24.13 -7.48
CA LEU A 245 -0.92 -23.96 -8.33
C LEU A 245 -0.55 -25.33 -8.94
N GLU A 246 -0.20 -25.31 -10.23
CA GLU A 246 0.28 -26.49 -10.93
C GLU A 246 1.74 -26.27 -11.34
N TYR A 247 2.51 -27.38 -11.37
CA TYR A 247 3.94 -27.28 -11.62
C TYR A 247 4.19 -26.93 -13.08
N ASN A 248 5.14 -26.00 -13.27
CA ASN A 248 5.61 -25.59 -14.57
C ASN A 248 6.74 -26.52 -14.99
N TYR A 249 6.39 -27.71 -15.48
CA TYR A 249 7.35 -28.79 -15.68
C TYR A 249 8.45 -28.36 -16.65
N ALA A 250 8.08 -27.63 -17.70
CA ALA A 250 9.05 -27.19 -18.70
C ALA A 250 10.16 -26.39 -18.03
N ILE A 251 9.79 -25.45 -17.17
CA ILE A 251 10.75 -24.55 -16.56
C ILE A 251 11.51 -25.28 -15.47
N LEU A 252 10.82 -26.13 -14.70
CA LEU A 252 11.46 -26.90 -13.65
C LEU A 252 12.57 -27.76 -14.25
N ALA A 253 12.28 -28.39 -15.39
CA ALA A 253 13.25 -29.27 -16.04
C ALA A 253 14.46 -28.46 -16.48
N LYS A 254 14.23 -27.24 -16.99
CA LYS A 254 15.33 -26.37 -17.45
C LYS A 254 16.18 -25.94 -16.25
N LEU A 255 15.55 -25.78 -15.09
CA LEU A 255 16.25 -25.37 -13.89
C LEU A 255 16.95 -26.57 -13.26
N GLY A 256 16.53 -27.78 -13.66
CA GLY A 256 17.14 -29.01 -13.20
C GLY A 256 16.61 -29.43 -11.82
N ILE A 257 15.35 -29.08 -11.55
CA ILE A 257 14.74 -29.38 -10.27
C ILE A 257 13.34 -29.95 -10.48
N GLY A 258 12.68 -30.32 -9.37
CA GLY A 258 11.33 -30.87 -9.42
C GLY A 258 10.55 -30.54 -8.15
N PRO A 259 9.29 -31.00 -8.04
CA PRO A 259 8.48 -30.76 -6.84
C PRO A 259 9.22 -30.98 -5.53
N GLU A 260 10.04 -32.05 -5.47
CA GLU A 260 10.84 -32.33 -4.30
C GLU A 260 12.11 -31.49 -4.34
N SER B 9 -18.63 18.40 19.27
CA SER B 9 -18.69 17.79 20.63
C SER B 9 -17.55 16.78 20.79
N GLY B 10 -17.74 15.84 21.73
CA GLY B 10 -16.65 15.03 22.24
C GLY B 10 -16.33 13.86 21.31
N LEU B 11 -17.25 13.55 20.39
CA LEU B 11 -17.12 12.40 19.52
C LEU B 11 -15.86 12.53 18.68
N SER B 12 -15.76 13.65 17.96
CA SER B 12 -14.65 13.88 17.05
C SER B 12 -13.32 13.91 17.81
N ASP B 13 -13.29 14.62 18.94
CA ASP B 13 -12.08 14.73 19.72
C ASP B 13 -11.62 13.34 20.18
N PHE B 14 -12.58 12.54 20.63
CA PHE B 14 -12.28 11.20 21.14
C PHE B 14 -11.75 10.32 20.01
N PHE B 15 -12.45 10.32 18.86
CA PHE B 15 -12.08 9.44 17.76
C PHE B 15 -10.69 9.83 17.23
N THR B 16 -10.39 11.13 17.17
CA THR B 16 -9.08 11.55 16.66
C THR B 16 -7.98 11.05 17.59
N GLN B 17 -8.18 11.20 18.92
CA GLN B 17 -7.19 10.78 19.89
C GLN B 17 -6.97 9.27 19.79
N LEU B 18 -8.09 8.52 19.80
CA LEU B 18 -8.06 7.07 19.81
C LEU B 18 -7.33 6.56 18.58
N GLY B 19 -7.50 7.26 17.45
CA GLY B 19 -6.97 6.83 16.17
C GLY B 19 -5.45 6.89 16.10
N GLN B 20 -4.81 7.76 16.90
CA GLN B 20 -3.39 8.00 16.72
C GLN B 20 -2.58 7.69 17.97
N ASP B 21 -3.25 7.27 19.06
CA ASP B 21 -2.60 7.02 20.33
C ASP B 21 -2.71 5.55 20.69
N ALA B 22 -1.59 4.82 20.65
CA ALA B 22 -1.59 3.37 20.82
C ALA B 22 -1.91 2.96 22.25
N GLN B 23 -1.58 3.82 23.22
CA GLN B 23 -1.92 3.53 24.60
C GLN B 23 -3.44 3.58 24.78
N LEU B 24 -4.07 4.63 24.24
CA LEU B 24 -5.51 4.76 24.33
C LEU B 24 -6.19 3.64 23.54
N MET B 25 -5.61 3.27 22.40
CA MET B 25 -6.18 2.21 21.58
C MET B 25 -6.19 0.90 22.38
N GLU B 26 -5.10 0.63 23.08
CA GLU B 26 -4.98 -0.60 23.85
C GLU B 26 -5.96 -0.58 25.02
N ASP B 27 -6.07 0.58 25.69
CA ASP B 27 -7.02 0.74 26.77
C ASP B 27 -8.44 0.49 26.27
N TYR B 28 -8.75 1.06 25.09
CA TYR B 28 -10.08 0.96 24.52
C TYR B 28 -10.40 -0.50 24.25
N LYS B 29 -9.42 -1.24 23.69
CA LYS B 29 -9.69 -2.61 23.29
C LYS B 29 -9.87 -3.49 24.52
N GLN B 30 -9.27 -3.09 25.66
CA GLN B 30 -9.44 -3.84 26.89
C GLN B 30 -10.84 -3.61 27.46
N ASN B 31 -11.34 -2.37 27.39
CA ASN B 31 -12.63 -2.04 27.98
C ASN B 31 -13.26 -0.87 27.22
N PRO B 32 -13.91 -1.15 26.07
CA PRO B 32 -14.51 -0.09 25.25
C PRO B 32 -15.46 0.83 25.99
N GLU B 33 -16.42 0.26 26.73
CA GLU B 33 -17.45 1.04 27.37
CA GLU B 33 -17.45 1.07 27.35
C GLU B 33 -16.85 1.96 28.43
N ALA B 34 -15.93 1.43 29.24
CA ALA B 34 -15.34 2.21 30.31
C ALA B 34 -14.55 3.37 29.72
N VAL B 35 -13.81 3.12 28.65
CA VAL B 35 -12.99 4.15 28.04
C VAL B 35 -13.90 5.22 27.43
N MET B 36 -14.97 4.78 26.76
CA MET B 36 -15.90 5.74 26.16
C MET B 36 -16.56 6.59 27.24
N ARG B 37 -16.94 5.99 28.36
CA ARG B 37 -17.58 6.75 29.43
C ARG B 37 -16.59 7.75 30.02
N ALA B 38 -15.32 7.34 30.10
CA ALA B 38 -14.28 8.18 30.68
C ALA B 38 -14.04 9.40 29.79
N HIS B 39 -14.43 9.31 28.52
CA HIS B 39 -14.26 10.39 27.58
C HIS B 39 -15.59 11.09 27.32
N GLY B 40 -16.60 10.76 28.13
CA GLY B 40 -17.82 11.53 28.20
C GLY B 40 -18.86 11.16 27.13
N LEU B 41 -18.64 10.06 26.40
CA LEU B 41 -19.59 9.68 25.36
C LEU B 41 -20.93 9.33 26.00
N THR B 42 -22.01 9.75 25.33
CA THR B 42 -23.36 9.53 25.83
C THR B 42 -23.73 8.05 25.65
N ASP B 43 -24.75 7.61 26.38
CA ASP B 43 -25.23 6.25 26.26
C ASP B 43 -25.64 5.97 24.82
N GLU B 44 -26.25 6.98 24.17
CA GLU B 44 -26.72 6.84 22.80
C GLU B 44 -25.52 6.64 21.86
N GLN B 45 -24.45 7.40 22.09
CA GLN B 45 -23.25 7.32 21.27
C GLN B 45 -22.59 5.96 21.45
N ILE B 46 -22.52 5.50 22.70
CA ILE B 46 -21.91 4.23 23.02
C ILE B 46 -22.72 3.11 22.35
N ASN B 47 -24.05 3.22 22.39
CA ASN B 47 -24.91 2.21 21.79
CA ASN B 47 -24.90 2.21 21.79
C ASN B 47 -24.66 2.16 20.28
N ALA B 48 -24.44 3.33 19.66
CA ALA B 48 -24.21 3.38 18.23
C ALA B 48 -22.88 2.70 17.89
N VAL B 49 -21.87 2.88 18.75
CA VAL B 49 -20.57 2.27 18.54
C VAL B 49 -20.71 0.76 18.63
N MET B 50 -21.41 0.29 19.67
CA MET B 50 -21.45 -1.13 19.96
C MET B 50 -22.32 -1.86 18.94
N THR B 51 -23.30 -1.17 18.33
CA THR B 51 -24.15 -1.81 17.33
C THR B 51 -23.57 -1.57 15.93
N GLY B 52 -22.47 -0.81 15.86
CA GLY B 52 -21.77 -0.58 14.60
C GLY B 52 -22.57 0.31 13.65
N ASP B 53 -23.32 1.27 14.21
CA ASP B 53 -24.14 2.16 13.42
C ASP B 53 -23.38 3.45 13.11
N MET B 54 -22.62 3.44 12.02
CA MET B 54 -21.75 4.55 11.69
C MET B 54 -22.57 5.78 11.26
N GLU B 55 -23.76 5.55 10.71
CA GLU B 55 -24.57 6.64 10.20
C GLU B 55 -25.08 7.47 11.38
N LYS B 56 -25.47 6.79 12.46
CA LYS B 56 -25.98 7.44 13.67
C LYS B 56 -24.88 8.31 14.28
N LEU B 57 -23.66 7.76 14.36
CA LEU B 57 -22.53 8.47 14.94
C LEU B 57 -22.30 9.78 14.19
N LYS B 58 -22.38 9.70 12.85
CA LYS B 58 -22.13 10.84 12.00
C LYS B 58 -23.12 11.96 12.32
N THR B 59 -24.38 11.58 12.58
CA THR B 59 -25.43 12.55 12.86
C THR B 59 -25.22 13.14 14.26
N LEU B 60 -24.69 12.32 15.16
CA LEU B 60 -24.33 12.77 16.50
C LEU B 60 -22.95 13.45 16.44
N GLY C 2 0.26 -11.44 27.68
CA GLY C 2 1.03 -10.75 26.64
C GLY C 2 0.17 -10.52 25.39
N SER C 3 0.74 -9.80 24.42
CA SER C 3 0.02 -9.48 23.20
C SER C 3 1.00 -9.18 22.08
N LEU C 4 0.50 -9.19 20.84
CA LEU C 4 1.34 -8.97 19.68
C LEU C 4 0.69 -7.96 18.73
N VAL C 5 1.47 -6.96 18.31
CA VAL C 5 1.11 -6.08 17.22
C VAL C 5 2.28 -6.01 16.24
N CYS C 6 2.01 -6.35 14.98
CA CYS C 6 3.01 -6.23 13.93
C CYS C 6 2.75 -4.97 13.11
N VAL C 7 3.77 -4.12 13.01
CA VAL C 7 3.66 -2.86 12.29
C VAL C 7 4.71 -2.80 11.20
N GLY C 8 4.45 -1.95 10.19
CA GLY C 8 5.41 -1.67 9.14
C GLY C 8 6.05 -0.30 9.34
N THR C 9 7.30 -0.15 8.89
CA THR C 9 7.99 1.11 9.03
C THR C 9 8.12 1.80 7.67
N GLY C 10 7.53 1.18 6.63
CA GLY C 10 7.67 1.72 5.28
C GLY C 10 9.09 1.51 4.80
N LEU C 11 9.48 2.22 3.73
CA LEU C 11 10.79 2.01 3.13
C LEU C 11 11.75 3.14 3.49
N GLN C 12 11.22 4.38 3.57
CA GLN C 12 12.04 5.55 3.87
C GLN C 12 12.23 5.67 5.38
N LEU C 13 13.43 6.10 5.77
CA LEU C 13 13.81 6.31 7.16
C LEU C 13 12.87 7.31 7.84
N ALA C 14 12.30 6.85 8.97
CA ALA C 14 11.70 7.70 9.99
C ALA C 14 10.31 8.23 9.61
N GLY C 15 10.15 8.69 8.36
CA GLY C 15 8.98 9.47 8.00
C GLY C 15 7.83 8.67 7.39
N GLN C 16 8.07 7.41 7.03
CA GLN C 16 7.09 6.67 6.25
C GLN C 16 6.28 5.72 7.12
N ILE C 17 6.57 5.68 8.42
CA ILE C 17 5.75 4.93 9.36
C ILE C 17 4.48 5.73 9.65
N SER C 18 3.37 5.04 9.87
CA SER C 18 2.13 5.71 10.24
C SER C 18 2.23 6.25 11.66
N VAL C 19 1.43 7.28 11.95
CA VAL C 19 1.43 7.90 13.26
C VAL C 19 1.12 6.86 14.33
N LEU C 20 0.06 6.07 14.12
CA LEU C 20 -0.35 5.09 15.12
C LEU C 20 0.72 4.02 15.28
N SER C 21 1.34 3.59 14.18
CA SER C 21 2.33 2.52 14.25
C SER C 21 3.55 2.98 15.05
N ARG C 22 3.92 4.26 14.91
CA ARG C 22 5.02 4.82 15.67
CA ARG C 22 5.02 4.82 15.66
C ARG C 22 4.68 4.77 17.16
N SER C 23 3.42 5.08 17.48
CA SER C 23 2.96 5.07 18.86
C SER C 23 3.05 3.66 19.43
N TYR C 24 2.71 2.65 18.64
CA TYR C 24 2.79 1.27 19.10
C TYR C 24 4.23 0.94 19.49
N ILE C 25 5.19 1.35 18.65
CA ILE C 25 6.59 1.07 18.93
C ILE C 25 7.00 1.77 20.22
N GLU C 26 6.60 3.05 20.36
CA GLU C 26 6.97 3.84 21.51
C GLU C 26 6.56 3.18 22.82
N HIS C 27 5.35 2.59 22.84
CA HIS C 27 4.75 2.13 24.08
C HIS C 27 4.97 0.63 24.31
N ALA C 28 5.67 -0.04 23.38
CA ALA C 28 5.89 -1.47 23.48
C ALA C 28 6.81 -1.81 24.67
N ASP C 29 6.58 -2.99 25.25
CA ASP C 29 7.49 -3.54 26.25
C ASP C 29 8.79 -3.96 25.56
N ILE C 30 8.65 -4.50 24.34
CA ILE C 30 9.78 -5.03 23.60
C ILE C 30 9.44 -4.95 22.10
N VAL C 31 10.47 -4.70 21.28
CA VAL C 31 10.31 -4.57 19.85
C VAL C 31 11.27 -5.53 19.14
N PHE C 32 10.71 -6.37 18.26
CA PHE C 32 11.50 -7.19 17.36
C PHE C 32 11.54 -6.52 15.99
N SER C 33 12.75 -6.26 15.48
CA SER C 33 12.91 -5.43 14.30
C SER C 33 13.50 -6.21 13.14
N LEU C 34 13.08 -5.81 11.93
CA LEU C 34 13.74 -6.18 10.70
C LEU C 34 13.74 -4.96 9.79
N LEU C 35 14.85 -4.19 9.81
CA LEU C 35 14.89 -2.90 9.17
C LEU C 35 15.99 -2.86 8.11
N PRO C 36 15.92 -1.91 7.14
CA PRO C 36 16.83 -1.89 6.00
C PRO C 36 18.30 -1.61 6.26
N ASP C 37 18.62 -0.86 7.33
CA ASP C 37 19.97 -0.36 7.50
C ASP C 37 20.20 0.15 8.92
N GLY C 38 21.44 0.58 9.18
CA GLY C 38 21.86 1.04 10.50
C GLY C 38 21.22 2.37 10.89
N PHE C 39 20.86 3.19 9.90
CA PHE C 39 20.19 4.46 10.18
C PHE C 39 18.81 4.20 10.77
N SER C 40 18.06 3.28 10.16
CA SER C 40 16.73 2.97 10.65
CA SER C 40 16.73 2.93 10.62
C SER C 40 16.84 2.25 11.99
N GLN C 41 17.89 1.44 12.15
CA GLN C 41 18.09 0.72 13.41
C GLN C 41 18.29 1.71 14.55
N ARG C 42 19.08 2.76 14.32
CA ARG C 42 19.35 3.77 15.33
C ARG C 42 18.09 4.55 15.64
N TRP C 43 17.34 4.89 14.58
CA TRP C 43 16.07 5.59 14.72
C TRP C 43 15.13 4.81 15.63
N LEU C 44 15.06 3.49 15.42
CA LEU C 44 14.17 2.65 16.20
C LEU C 44 14.61 2.64 17.66
N THR C 45 15.92 2.47 17.89
CA THR C 45 16.45 2.35 19.23
C THR C 45 16.15 3.61 20.04
N LYS C 46 16.09 4.76 19.37
CA LYS C 46 15.81 6.01 20.06
C LYS C 46 14.33 6.10 20.41
N LEU C 47 13.48 5.46 19.59
CA LEU C 47 12.06 5.38 19.85
C LEU C 47 11.79 4.49 21.06
N ASN C 48 12.48 3.36 21.10
CA ASN C 48 12.29 2.36 22.14
C ASN C 48 13.58 1.57 22.27
N PRO C 49 14.29 1.64 23.41
CA PRO C 49 15.60 0.98 23.53
C PRO C 49 15.53 -0.53 23.65
N ASN C 50 14.34 -1.07 23.95
CA ASN C 50 14.18 -2.50 24.19
CA ASN C 50 14.19 -2.50 24.18
C ASN C 50 13.94 -3.20 22.86
N VAL C 51 15.00 -3.35 22.06
CA VAL C 51 14.90 -3.89 20.71
C VAL C 51 15.69 -5.18 20.60
N ILE C 52 15.06 -6.17 19.96
CA ILE C 52 15.74 -7.39 19.53
C ILE C 52 15.74 -7.42 18.00
N ASN C 53 16.94 -7.47 17.42
CA ASN C 53 17.12 -7.40 15.97
C ASN C 53 16.97 -8.81 15.39
N LEU C 54 15.94 -9.00 14.57
CA LEU C 54 15.61 -10.30 14.00
C LEU C 54 16.69 -10.72 12.99
N GLN C 55 17.54 -9.77 12.58
CA GLN C 55 18.56 -10.06 11.58
C GLN C 55 19.51 -11.13 12.10
N GLN C 56 19.57 -11.30 13.42
CA GLN C 56 20.53 -12.21 14.02
C GLN C 56 20.24 -13.65 13.62
N PHE C 57 19.01 -13.92 13.16
CA PHE C 57 18.56 -15.28 12.91
C PHE C 57 18.89 -15.70 11.48
N TYR C 58 19.46 -14.78 10.69
CA TYR C 58 19.93 -15.11 9.36
C TYR C 58 21.28 -15.81 9.50
N ALA C 59 21.58 -16.69 8.54
CA ALA C 59 22.85 -17.38 8.47
C ALA C 59 23.98 -16.34 8.53
N GLN C 60 24.79 -16.40 9.59
CA GLN C 60 25.81 -15.40 9.83
C GLN C 60 27.05 -15.73 9.01
N ASN C 61 27.48 -16.99 9.08
CA ASN C 61 28.65 -17.45 8.35
C ASN C 61 28.23 -17.74 6.91
N GLY C 62 29.13 -18.37 6.15
CA GLY C 62 28.79 -18.90 4.84
C GLY C 62 27.98 -20.19 4.98
N GLU C 63 27.45 -20.40 6.19
CA GLU C 63 26.65 -21.56 6.51
C GLU C 63 25.43 -21.63 5.58
N VAL C 64 24.99 -22.86 5.31
CA VAL C 64 23.77 -23.10 4.55
C VAL C 64 22.62 -23.27 5.53
N LYS C 65 21.57 -22.46 5.32
CA LYS C 65 20.43 -22.45 6.22
C LYS C 65 19.18 -22.13 5.39
N ASN C 66 18.21 -23.05 5.42
CA ASN C 66 16.92 -22.81 4.80
C ASN C 66 16.32 -21.55 5.42
N ARG C 67 15.91 -20.61 4.56
CA ARG C 67 15.27 -19.39 5.02
C ARG C 67 14.01 -19.72 5.83
N ARG C 68 13.40 -20.89 5.55
CA ARG C 68 12.21 -21.31 6.29
C ARG C 68 12.58 -21.55 7.75
N ASP C 69 13.82 -21.99 7.98
CA ASP C 69 14.29 -22.24 9.34
C ASP C 69 14.53 -20.91 10.06
N THR C 70 15.10 -19.93 9.35
CA THR C 70 15.30 -18.60 9.91
C THR C 70 13.96 -18.03 10.36
N TYR C 71 12.95 -18.16 9.50
CA TYR C 71 11.64 -17.59 9.75
C TYR C 71 11.03 -18.23 10.99
N GLU C 72 11.22 -19.55 11.13
CA GLU C 72 10.69 -20.29 12.27
C GLU C 72 11.31 -19.77 13.56
N GLN C 73 12.64 -19.56 13.57
CA GLN C 73 13.34 -19.06 14.74
C GLN C 73 12.89 -17.62 15.07
N MET C 74 12.67 -16.82 14.03
CA MET C 74 12.20 -15.46 14.24
C MET C 74 10.86 -15.49 14.95
N VAL C 75 9.94 -16.32 14.42
CA VAL C 75 8.58 -16.40 14.93
C VAL C 75 8.62 -16.90 16.37
N ASN C 76 9.50 -17.87 16.64
CA ASN C 76 9.60 -18.44 17.98
C ASN C 76 10.08 -17.39 18.97
N ALA C 77 11.05 -16.56 18.55
CA ALA C 77 11.58 -15.52 19.41
C ALA C 77 10.48 -14.53 19.79
N ILE C 78 9.66 -14.16 18.80
CA ILE C 78 8.58 -13.21 19.00
C ILE C 78 7.57 -13.79 19.98
N LEU C 79 7.15 -15.03 19.73
CA LEU C 79 6.14 -15.70 20.55
C LEU C 79 6.65 -15.92 21.97
N ASP C 80 7.95 -16.16 22.14
CA ASP C 80 8.51 -16.36 23.47
C ASP C 80 8.26 -15.11 24.32
N ALA C 81 8.39 -13.93 23.72
CA ALA C 81 8.14 -12.68 24.43
C ALA C 81 6.67 -12.57 24.80
N VAL C 82 5.78 -12.92 23.84
CA VAL C 82 4.35 -12.84 24.07
C VAL C 82 3.95 -13.79 25.20
N ARG C 83 4.44 -15.03 25.13
CA ARG C 83 4.13 -16.06 26.10
C ARG C 83 4.58 -15.65 27.50
N ALA C 84 5.69 -14.91 27.58
CA ALA C 84 6.25 -14.50 28.85
C ALA C 84 5.40 -13.39 29.49
N GLY C 85 4.64 -12.67 28.66
CA GLY C 85 3.70 -11.68 29.18
C GLY C 85 3.93 -10.29 28.59
N LYS C 86 4.86 -10.17 27.64
CA LYS C 86 5.26 -8.85 27.14
C LYS C 86 4.26 -8.33 26.11
N LYS C 87 4.01 -7.02 26.19
CA LYS C 87 3.34 -6.26 25.14
C LYS C 87 4.33 -6.09 24.00
N THR C 88 4.22 -6.98 23.00
CA THR C 88 5.26 -7.18 22.01
C THR C 88 4.86 -6.49 20.70
N VAL C 89 5.82 -5.78 20.10
CA VAL C 89 5.63 -5.21 18.78
C VAL C 89 6.73 -5.73 17.86
N CYS C 90 6.30 -6.14 16.66
CA CYS C 90 7.23 -6.45 15.59
CA CYS C 90 7.20 -6.48 15.58
C CYS C 90 7.24 -5.30 14.59
N ALA C 91 8.44 -4.77 14.35
CA ALA C 91 8.60 -3.66 13.44
C ALA C 91 9.34 -4.15 12.20
N LEU C 92 8.60 -4.31 11.10
CA LEU C 92 9.15 -4.80 9.85
C LEU C 92 9.14 -3.67 8.84
N TYR C 93 10.14 -3.64 7.95
CA TYR C 93 10.16 -2.63 6.91
C TYR C 93 9.03 -2.89 5.93
N GLY C 94 8.55 -1.79 5.33
CA GLY C 94 7.46 -1.82 4.39
C GLY C 94 6.12 -2.05 5.07
N HIS C 95 5.34 -2.96 4.49
CA HIS C 95 4.10 -3.48 5.04
C HIS C 95 4.40 -4.85 5.64
N PRO C 96 4.04 -5.12 6.91
CA PRO C 96 4.49 -6.33 7.58
C PRO C 96 3.88 -7.62 7.02
N GLY C 97 2.88 -7.48 6.15
CA GLY C 97 2.18 -8.64 5.63
C GLY C 97 2.26 -8.78 4.10
N VAL C 98 3.17 -8.05 3.47
CA VAL C 98 3.31 -8.07 2.01
C VAL C 98 4.62 -8.73 1.63
N PHE C 99 4.53 -9.84 0.89
CA PHE C 99 5.68 -10.65 0.53
C PHE C 99 6.54 -10.82 1.77
N ALA C 100 5.87 -11.21 2.86
CA ALA C 100 6.51 -11.41 4.16
C ALA C 100 5.68 -12.43 4.94
N CYS C 101 6.35 -13.40 5.57
CA CYS C 101 5.62 -14.49 6.20
C CYS C 101 5.74 -14.47 7.73
N VAL C 102 6.75 -13.76 8.27
CA VAL C 102 7.04 -13.87 9.69
C VAL C 102 5.87 -13.32 10.50
N SER C 103 5.29 -12.20 10.08
CA SER C 103 4.21 -11.59 10.84
C SER C 103 2.94 -12.45 10.73
N HIS C 104 2.61 -12.90 9.52
CA HIS C 104 1.41 -13.71 9.34
C HIS C 104 1.51 -14.97 10.21
N MET C 105 2.71 -15.56 10.24
CA MET C 105 2.95 -16.79 10.98
C MET C 105 2.83 -16.55 12.48
N ALA C 106 3.46 -15.47 12.95
CA ALA C 106 3.45 -15.14 14.37
C ALA C 106 2.02 -14.84 14.83
N ILE C 107 1.25 -14.12 13.99
CA ILE C 107 -0.10 -13.76 14.34
C ILE C 107 -0.97 -15.02 14.41
N THR C 108 -0.84 -15.91 13.42
CA THR C 108 -1.60 -17.15 13.40
C THR C 108 -1.32 -17.94 14.67
N ARG C 109 -0.03 -18.07 15.02
CA ARG C 109 0.37 -18.90 16.15
C ARG C 109 -0.08 -18.26 17.46
N ALA C 110 0.04 -16.94 17.55
CA ALA C 110 -0.37 -16.21 18.75
C ALA C 110 -1.86 -16.41 18.99
N LYS C 111 -2.67 -16.28 17.94
CA LYS C 111 -4.11 -16.43 18.07
C LYS C 111 -4.46 -17.83 18.51
N ALA C 112 -3.74 -18.82 17.97
CA ALA C 112 -4.00 -20.22 18.26
C ALA C 112 -3.72 -20.51 19.73
N GLU C 113 -2.77 -19.76 20.33
CA GLU C 113 -2.40 -19.95 21.72
C GLU C 113 -3.23 -19.05 22.64
N GLY C 114 -4.13 -18.27 22.04
CA GLY C 114 -5.12 -17.52 22.82
C GLY C 114 -4.66 -16.12 23.17
N PHE C 115 -3.68 -15.60 22.42
CA PHE C 115 -3.18 -14.25 22.65
C PHE C 115 -3.80 -13.29 21.63
N SER C 116 -4.01 -12.05 22.06
CA SER C 116 -4.36 -10.97 21.16
C SER C 116 -3.22 -10.73 20.18
N ALA C 117 -3.52 -10.72 18.89
CA ALA C 117 -2.52 -10.47 17.86
C ALA C 117 -3.17 -9.74 16.68
N LYS C 118 -2.49 -8.72 16.17
CA LYS C 118 -3.00 -8.01 15.01
C LYS C 118 -1.87 -7.43 14.18
N MET C 119 -2.22 -7.14 12.93
CA MET C 119 -1.31 -6.54 11.98
C MET C 119 -1.83 -5.15 11.59
N GLU C 120 -0.92 -4.18 11.63
CA GLU C 120 -1.20 -2.84 11.16
C GLU C 120 -0.58 -2.66 9.78
N PRO C 121 -1.37 -2.25 8.76
CA PRO C 121 -0.82 -2.07 7.42
C PRO C 121 0.24 -0.98 7.43
N GLY C 122 1.18 -1.11 6.48
CA GLY C 122 2.21 -0.11 6.26
C GLY C 122 2.38 0.13 4.77
N ILE C 123 3.34 1.01 4.44
CA ILE C 123 3.63 1.38 3.07
C ILE C 123 4.66 0.40 2.48
N SER C 124 4.24 -0.34 1.46
CA SER C 124 5.05 -1.39 0.86
C SER C 124 5.88 -0.83 -0.30
N ALA C 125 6.77 -1.69 -0.83
CA ALA C 125 7.59 -1.31 -1.96
C ALA C 125 6.71 -1.00 -3.17
N GLU C 126 5.59 -1.71 -3.30
CA GLU C 126 4.67 -1.51 -4.40
C GLU C 126 4.05 -0.12 -4.30
N ALA C 127 3.68 0.27 -3.07
CA ALA C 127 3.11 1.58 -2.82
C ALA C 127 4.10 2.67 -3.24
N CYS C 128 5.39 2.45 -2.95
CA CYS C 128 6.43 3.40 -3.31
C CYS C 128 6.59 3.47 -4.83
N LEU C 129 6.47 2.32 -5.50
CA LEU C 129 6.64 2.24 -6.94
C LEU C 129 5.59 3.10 -7.65
N TRP C 130 4.32 2.98 -7.26
CA TRP C 130 3.27 3.73 -7.94
C TRP C 130 3.57 5.23 -7.86
N ALA C 131 4.04 5.68 -6.70
CA ALA C 131 4.34 7.09 -6.49
C ALA C 131 5.56 7.52 -7.31
N ASP C 132 6.64 6.73 -7.26
CA ASP C 132 7.90 7.12 -7.86
C ASP C 132 7.81 7.11 -9.39
N LEU C 133 7.04 6.16 -9.94
CA LEU C 133 6.96 6.01 -11.40
C LEU C 133 5.76 6.76 -11.97
N GLY C 134 4.85 7.25 -11.12
CA GLY C 134 3.65 7.93 -11.59
C GLY C 134 2.74 6.99 -12.38
N ILE C 135 2.54 5.79 -11.81
CA ILE C 135 1.71 4.76 -12.42
C ILE C 135 0.60 4.40 -11.44
N ASP C 136 -0.63 4.34 -11.95
CA ASP C 136 -1.77 3.90 -11.18
C ASP C 136 -2.05 2.42 -11.48
N PRO C 137 -2.10 1.53 -10.47
CA PRO C 137 -2.39 0.12 -10.74
C PRO C 137 -3.72 -0.06 -11.46
N GLY C 138 -4.62 0.92 -11.29
CA GLY C 138 -5.96 0.83 -11.84
C GLY C 138 -6.02 1.23 -13.32
N ASN C 139 -4.96 1.87 -13.82
CA ASN C 139 -4.98 2.42 -15.17
C ASN C 139 -5.27 1.33 -16.19
N SER C 140 -4.55 0.20 -16.09
CA SER C 140 -4.84 -0.92 -16.97
C SER C 140 -4.75 -2.24 -16.19
N GLY C 141 -4.80 -2.13 -14.86
CA GLY C 141 -4.73 -3.30 -14.01
C GLY C 141 -3.30 -3.58 -13.55
N HIS C 142 -3.18 -4.50 -12.59
CA HIS C 142 -1.94 -4.78 -11.91
C HIS C 142 -1.91 -6.26 -11.52
N GLN C 143 -0.77 -6.90 -11.78
CA GLN C 143 -0.52 -8.25 -11.28
C GLN C 143 0.84 -8.25 -10.56
N SER C 144 0.88 -8.92 -9.40
CA SER C 144 2.10 -9.12 -8.63
C SER C 144 2.34 -10.61 -8.42
N PHE C 145 3.56 -11.06 -8.67
CA PHE C 145 3.98 -12.42 -8.38
C PHE C 145 5.40 -12.41 -7.83
N GLU C 146 5.70 -13.39 -6.97
CA GLU C 146 7.07 -13.70 -6.61
C GLU C 146 7.73 -14.32 -7.83
N ALA C 147 8.94 -13.85 -8.18
CA ALA C 147 9.58 -14.24 -9.42
C ALA C 147 9.74 -15.75 -9.50
N SER C 148 10.19 -16.38 -8.40
CA SER C 148 10.45 -17.81 -8.41
C SER C 148 9.15 -18.58 -8.58
N GLN C 149 8.07 -18.10 -7.94
CA GLN C 149 6.80 -18.78 -8.04
C GLN C 149 6.29 -18.72 -9.47
N PHE C 150 6.58 -17.61 -10.16
CA PHE C 150 6.20 -17.41 -11.54
C PHE C 150 6.88 -18.47 -12.41
N MET C 151 8.10 -18.85 -12.03
CA MET C 151 8.88 -19.80 -12.81
C MET C 151 8.47 -21.23 -12.49
N PHE C 152 8.20 -21.51 -11.20
CA PHE C 152 8.02 -22.88 -10.74
C PHE C 152 6.60 -23.38 -11.03
N PHE C 153 5.64 -22.47 -11.12
CA PHE C 153 4.24 -22.82 -11.24
C PHE C 153 3.65 -22.10 -12.45
N ASN C 154 2.50 -22.58 -12.90
CA ASN C 154 1.85 -22.01 -14.09
C ASN C 154 1.05 -20.79 -13.68
N HIS C 155 1.68 -19.62 -13.84
CA HIS C 155 0.99 -18.34 -13.75
C HIS C 155 0.87 -17.78 -15.16
N VAL C 156 -0.25 -17.09 -15.42
CA VAL C 156 -0.55 -16.60 -16.75
C VAL C 156 -0.75 -15.09 -16.67
N PRO C 157 0.23 -14.28 -17.11
CA PRO C 157 0.09 -12.83 -17.04
C PRO C 157 -0.91 -12.29 -18.05
N ASP C 158 -1.55 -11.20 -17.66
CA ASP C 158 -2.38 -10.41 -18.56
C ASP C 158 -1.50 -9.25 -19.03
N PRO C 159 -1.04 -9.26 -20.31
CA PRO C 159 -0.06 -8.28 -20.76
C PRO C 159 -0.57 -6.86 -21.00
N THR C 160 -1.82 -6.59 -20.62
CA THR C 160 -2.33 -5.23 -20.62
C THR C 160 -2.03 -4.55 -19.29
N THR C 161 -1.67 -5.35 -18.26
CA THR C 161 -1.49 -4.82 -16.92
C THR C 161 -0.05 -4.38 -16.69
N HIS C 162 0.17 -3.67 -15.57
CA HIS C 162 1.49 -3.51 -15.02
C HIS C 162 1.79 -4.76 -14.18
N LEU C 163 2.86 -5.47 -14.56
CA LEU C 163 3.24 -6.72 -13.92
C LEU C 163 4.48 -6.50 -13.06
N LEU C 164 4.39 -6.89 -11.78
CA LEU C 164 5.52 -6.80 -10.87
C LEU C 164 6.01 -8.21 -10.54
N LEU C 165 7.32 -8.43 -10.73
CA LEU C 165 7.98 -9.63 -10.25
C LEU C 165 8.86 -9.26 -9.06
N TRP C 166 8.43 -9.70 -7.87
CA TRP C 166 9.14 -9.45 -6.63
C TRP C 166 10.26 -10.46 -6.46
N GLN C 167 11.29 -10.10 -5.68
CA GLN C 167 12.37 -11.00 -5.35
C GLN C 167 13.04 -11.51 -6.63
N ILE C 168 13.24 -10.59 -7.58
CA ILE C 168 13.79 -10.92 -8.87
C ILE C 168 15.24 -11.40 -8.74
N ALA C 169 15.95 -10.93 -7.70
CA ALA C 169 17.37 -11.22 -7.55
C ALA C 169 17.61 -12.69 -7.20
N ILE C 170 16.57 -13.39 -6.74
CA ILE C 170 16.69 -14.81 -6.42
C ILE C 170 15.77 -15.62 -7.32
N ALA C 171 15.37 -15.05 -8.46
CA ALA C 171 14.51 -15.74 -9.40
C ALA C 171 15.08 -17.10 -9.75
N GLY C 172 14.33 -18.16 -9.40
CA GLY C 172 14.66 -19.51 -9.82
C GLY C 172 15.52 -20.25 -8.80
N GLU C 173 15.89 -19.57 -7.71
CA GLU C 173 16.78 -20.13 -6.70
C GLU C 173 15.95 -20.92 -5.69
N HIS C 174 15.91 -22.24 -5.85
CA HIS C 174 14.93 -23.10 -5.22
C HIS C 174 15.32 -23.48 -3.79
N THR C 175 16.62 -23.38 -3.45
CA THR C 175 17.11 -23.91 -2.19
C THR C 175 16.72 -22.99 -1.03
N LEU C 176 16.55 -21.70 -1.34
CA LEU C 176 16.30 -20.69 -0.31
C LEU C 176 17.49 -20.64 0.64
N THR C 177 18.71 -20.84 0.11
CA THR C 177 19.90 -20.80 0.93
C THR C 177 20.87 -19.75 0.41
N GLN C 178 20.50 -19.07 -0.68
CA GLN C 178 21.41 -18.14 -1.35
C GLN C 178 20.80 -16.75 -1.37
N PHE C 179 21.66 -15.74 -1.55
CA PHE C 179 21.26 -14.34 -1.50
C PHE C 179 20.91 -13.86 -2.91
N HIS C 180 21.32 -14.63 -3.92
CA HIS C 180 21.12 -14.23 -5.31
C HIS C 180 21.10 -15.45 -6.22
N THR C 181 20.60 -15.23 -7.45
CA THR C 181 20.55 -16.26 -8.47
C THR C 181 21.72 -16.07 -9.42
N SER C 182 21.62 -16.67 -10.61
CA SER C 182 22.66 -16.58 -11.63
C SER C 182 22.06 -16.11 -12.95
N SER C 183 22.93 -15.70 -13.87
CA SER C 183 22.51 -15.23 -15.19
C SER C 183 21.68 -16.29 -15.89
N ASP C 184 22.10 -17.56 -15.78
CA ASP C 184 21.44 -18.67 -16.45
C ASP C 184 19.96 -18.70 -16.08
N ARG C 185 19.67 -18.57 -14.78
CA ARG C 185 18.31 -18.66 -14.29
C ARG C 185 17.49 -17.50 -14.87
N LEU C 186 18.10 -16.32 -14.94
CA LEU C 186 17.41 -15.13 -15.41
C LEU C 186 17.14 -15.25 -16.91
N GLN C 187 18.02 -15.97 -17.63
CA GLN C 187 17.85 -16.16 -19.06
C GLN C 187 16.64 -17.07 -19.30
N ILE C 188 16.48 -18.08 -18.44
CA ILE C 188 15.34 -18.97 -18.51
C ILE C 188 14.06 -18.16 -18.30
N LEU C 189 14.09 -17.22 -17.34
CA LEU C 189 12.95 -16.37 -17.06
C LEU C 189 12.64 -15.50 -18.28
N VAL C 190 13.68 -14.99 -18.94
CA VAL C 190 13.51 -14.16 -20.13
C VAL C 190 12.78 -14.96 -21.20
N GLU C 191 13.21 -16.20 -21.43
CA GLU C 191 12.62 -17.04 -22.46
C GLU C 191 11.16 -17.35 -22.11
N GLN C 192 10.90 -17.55 -20.82
CA GLN C 192 9.54 -17.81 -20.35
C GLN C 192 8.66 -16.61 -20.66
N LEU C 193 9.14 -15.41 -20.31
CA LEU C 193 8.35 -14.19 -20.47
C LEU C 193 8.12 -13.89 -21.95
N ASN C 194 8.99 -14.41 -22.81
CA ASN C 194 8.95 -14.08 -24.23
C ASN C 194 7.69 -14.68 -24.86
N GLN C 195 7.01 -15.55 -24.13
CA GLN C 195 5.69 -16.01 -24.53
C GLN C 195 4.76 -14.82 -24.77
N TRP C 196 4.90 -13.78 -23.95
CA TRP C 196 3.94 -12.68 -23.91
C TRP C 196 4.61 -11.35 -24.24
N TYR C 197 5.92 -11.25 -23.96
CA TYR C 197 6.63 -9.99 -24.10
C TYR C 197 7.76 -10.13 -25.10
N PRO C 198 7.88 -9.20 -26.08
CA PRO C 198 9.03 -9.17 -26.98
C PRO C 198 10.35 -8.98 -26.25
N LEU C 199 11.44 -9.47 -26.84
CA LEU C 199 12.75 -9.44 -26.21
C LEU C 199 13.21 -7.98 -26.04
N ASP C 200 12.68 -7.07 -26.88
CA ASP C 200 13.09 -5.68 -26.82
C ASP C 200 12.10 -4.87 -25.98
N HIS C 201 11.16 -5.56 -25.32
CA HIS C 201 10.20 -4.88 -24.46
C HIS C 201 10.95 -4.22 -23.30
N GLU C 202 10.67 -2.93 -23.09
CA GLU C 202 11.32 -2.18 -22.02
C GLU C 202 10.74 -2.61 -20.68
N VAL C 203 11.63 -3.02 -19.77
CA VAL C 203 11.27 -3.33 -18.40
C VAL C 203 12.05 -2.41 -17.48
N VAL C 204 11.67 -2.39 -16.19
CA VAL C 204 12.20 -1.43 -15.25
C VAL C 204 12.65 -2.17 -13.99
N ILE C 205 13.92 -1.99 -13.63
CA ILE C 205 14.41 -2.44 -12.35
C ILE C 205 14.22 -1.31 -11.35
N TYR C 206 13.39 -1.54 -10.33
CA TYR C 206 13.01 -0.50 -9.40
C TYR C 206 13.55 -0.81 -8.01
N GLU C 207 14.13 0.20 -7.37
CA GLU C 207 14.50 0.14 -5.98
C GLU C 207 14.10 1.44 -5.31
N ALA C 208 13.10 1.34 -4.41
CA ALA C 208 12.70 2.48 -3.58
C ALA C 208 13.87 2.88 -2.69
N ALA C 209 14.01 4.19 -2.48
CA ALA C 209 15.04 4.74 -1.61
C ALA C 209 14.72 4.44 -0.15
N ASN C 210 15.76 4.22 0.66
CA ASN C 210 15.61 3.99 2.09
C ASN C 210 16.06 5.21 2.89
N LEU C 211 16.79 6.13 2.26
CA LEU C 211 17.27 7.33 2.93
C LEU C 211 16.73 8.59 2.25
N PRO C 212 16.49 9.68 3.00
CA PRO C 212 15.88 10.89 2.44
C PRO C 212 16.74 11.65 1.43
N ILE C 213 18.04 11.34 1.40
CA ILE C 213 18.98 12.01 0.50
C ILE C 213 19.24 11.13 -0.71
N GLN C 214 18.47 10.06 -0.85
CA GLN C 214 18.72 9.05 -1.86
C GLN C 214 17.61 9.05 -2.91
N ALA C 215 18.00 8.97 -4.19
CA ALA C 215 17.05 8.82 -5.28
C ALA C 215 16.72 7.33 -5.46
N PRO C 216 15.49 7.00 -5.91
CA PRO C 216 15.17 5.62 -6.24
C PRO C 216 15.97 5.19 -7.46
N ARG C 217 16.21 3.89 -7.57
CA ARG C 217 16.68 3.30 -8.80
C ARG C 217 15.49 3.08 -9.73
N ILE C 218 15.58 3.66 -10.94
CA ILE C 218 14.57 3.45 -11.97
C ILE C 218 15.31 3.18 -13.27
N GLU C 219 15.72 1.91 -13.45
CA GLU C 219 16.60 1.52 -14.54
C GLU C 219 15.78 0.85 -15.63
N ARG C 220 15.72 1.51 -16.79
CA ARG C 220 14.98 1.02 -17.95
C ARG C 220 15.94 0.30 -18.89
N LEU C 221 15.54 -0.92 -19.28
CA LEU C 221 16.36 -1.75 -20.15
C LEU C 221 15.45 -2.72 -20.91
N PRO C 222 15.88 -3.20 -22.09
CA PRO C 222 15.14 -4.27 -22.78
C PRO C 222 15.18 -5.57 -21.99
N LEU C 223 14.08 -6.33 -22.07
CA LEU C 223 13.93 -7.58 -21.34
C LEU C 223 15.14 -8.47 -21.60
N ALA C 224 15.64 -8.46 -22.84
CA ALA C 224 16.74 -9.33 -23.23
C ALA C 224 17.97 -9.11 -22.36
N ASN C 225 18.10 -7.92 -21.78
CA ASN C 225 19.33 -7.52 -21.11
C ASN C 225 19.27 -7.83 -19.61
N LEU C 226 18.14 -8.38 -19.15
CA LEU C 226 17.89 -8.61 -17.74
C LEU C 226 18.99 -9.50 -17.14
N PRO C 227 19.43 -10.59 -17.81
CA PRO C 227 20.42 -11.49 -17.23
C PRO C 227 21.80 -10.89 -16.97
N GLN C 228 22.07 -9.71 -17.55
CA GLN C 228 23.35 -9.04 -17.37
C GLN C 228 23.20 -7.89 -16.37
N ALA C 229 21.98 -7.67 -15.88
CA ALA C 229 21.71 -6.56 -14.99
C ALA C 229 22.29 -6.82 -13.61
N HIS C 230 22.63 -5.73 -12.92
CA HIS C 230 23.05 -5.78 -11.52
C HIS C 230 21.79 -5.72 -10.66
N LEU C 231 21.46 -6.84 -10.00
CA LEU C 231 20.27 -6.93 -9.18
C LEU C 231 20.69 -7.02 -7.71
N MET C 232 19.85 -6.48 -6.84
CA MET C 232 20.07 -6.52 -5.41
C MET C 232 18.87 -7.19 -4.74
N PRO C 233 19.00 -7.70 -3.50
CA PRO C 233 17.87 -8.27 -2.78
C PRO C 233 16.62 -7.38 -2.79
N ILE C 234 16.83 -6.07 -2.88
CA ILE C 234 15.73 -5.13 -2.74
C ILE C 234 15.09 -4.81 -4.09
N SER C 235 15.62 -5.36 -5.19
CA SER C 235 15.13 -5.02 -6.52
C SER C 235 13.76 -5.63 -6.76
N THR C 236 12.87 -4.84 -7.39
CA THR C 236 11.63 -5.35 -7.93
C THR C 236 11.64 -5.09 -9.44
N LEU C 237 11.17 -6.08 -10.23
CA LEU C 237 11.10 -5.91 -11.66
C LEU C 237 9.68 -5.50 -12.07
N LEU C 238 9.59 -4.36 -12.76
CA LEU C 238 8.32 -3.90 -13.33
C LEU C 238 8.32 -4.21 -14.83
N ILE C 239 7.27 -4.91 -15.26
CA ILE C 239 7.08 -5.20 -16.67
C ILE C 239 5.84 -4.43 -17.12
N PRO C 240 6.02 -3.25 -17.75
CA PRO C 240 4.87 -2.48 -18.24
C PRO C 240 4.08 -3.23 -19.31
N PRO C 241 2.85 -2.79 -19.60
CA PRO C 241 1.99 -3.46 -20.58
C PRO C 241 2.67 -3.66 -21.95
N ALA C 242 2.44 -4.83 -22.54
CA ALA C 242 2.87 -5.12 -23.90
C ALA C 242 1.79 -4.74 -24.91
N LYS C 243 0.55 -4.59 -24.41
CA LYS C 243 -0.59 -4.35 -25.28
C LYS C 243 -1.49 -3.29 -24.67
N LYS C 244 -2.09 -2.46 -25.53
CA LYS C 244 -3.11 -1.52 -25.11
C LYS C 244 -4.41 -2.26 -24.84
N LEU C 245 -5.28 -1.61 -24.06
CA LEU C 245 -6.61 -2.15 -23.78
C LEU C 245 -7.42 -2.21 -25.08
N GLU C 246 -8.17 -3.31 -25.23
CA GLU C 246 -9.06 -3.49 -26.37
C GLU C 246 -10.47 -3.76 -25.85
N TYR C 247 -11.47 -3.40 -26.66
CA TYR C 247 -12.85 -3.44 -26.21
C TYR C 247 -13.34 -4.89 -26.11
N ASN C 248 -14.13 -5.13 -25.06
CA ASN C 248 -14.72 -6.42 -24.79
C ASN C 248 -16.11 -6.45 -25.42
N TYR C 249 -16.16 -6.62 -26.75
CA TYR C 249 -17.40 -6.51 -27.50
C TYR C 249 -18.41 -7.52 -26.98
N ALA C 250 -17.93 -8.69 -26.53
CA ALA C 250 -18.80 -9.71 -25.99
C ALA C 250 -19.66 -9.16 -24.85
N ILE C 251 -19.02 -8.48 -23.90
CA ILE C 251 -19.70 -8.02 -22.70
C ILE C 251 -20.47 -6.74 -23.00
N LEU C 252 -19.91 -5.88 -23.87
CA LEU C 252 -20.62 -4.68 -24.29
C LEU C 252 -21.96 -5.09 -24.91
N ALA C 253 -21.94 -6.17 -25.71
CA ALA C 253 -23.15 -6.66 -26.34
C ALA C 253 -24.18 -7.07 -25.29
N LYS C 254 -23.74 -7.77 -24.24
CA LYS C 254 -24.62 -8.19 -23.18
C LYS C 254 -25.23 -6.98 -22.47
N LEU C 255 -24.43 -5.91 -22.35
CA LEU C 255 -24.85 -4.70 -21.65
C LEU C 255 -25.74 -3.86 -22.56
N GLY C 256 -25.78 -4.20 -23.86
CA GLY C 256 -26.61 -3.51 -24.82
C GLY C 256 -26.01 -2.17 -25.26
N ILE C 257 -24.67 -2.07 -25.22
CA ILE C 257 -23.99 -0.84 -25.56
C ILE C 257 -22.82 -1.14 -26.49
N GLY C 258 -22.19 -0.07 -27.00
CA GLY C 258 -20.95 -0.17 -27.74
C GLY C 258 -19.93 0.84 -27.24
N PRO C 259 -18.69 0.82 -27.80
CA PRO C 259 -17.63 1.74 -27.36
C PRO C 259 -18.01 3.21 -27.31
N GLU C 260 -18.85 3.64 -28.26
CA GLU C 260 -19.18 5.05 -28.44
C GLU C 260 -20.02 5.52 -27.25
N ASP C 261 -20.59 4.56 -26.51
CA ASP C 261 -21.52 4.87 -25.44
C ASP C 261 -20.78 5.08 -24.12
N LEU C 262 -19.50 4.70 -24.08
CA LEU C 262 -18.74 4.78 -22.84
C LEU C 262 -18.49 6.25 -22.51
N GLY C 263 -18.86 6.64 -21.28
CA GLY C 263 -18.56 7.97 -20.78
C GLY C 263 -17.06 8.16 -20.60
N SER D 9 26.87 10.03 14.89
CA SER D 9 25.70 10.59 15.63
C SER D 9 25.03 11.67 14.79
N GLY D 10 25.82 12.66 14.36
CA GLY D 10 25.31 13.82 13.66
C GLY D 10 24.68 13.46 12.31
N LEU D 11 25.34 12.56 11.57
CA LEU D 11 24.86 12.15 10.26
C LEU D 11 23.47 11.55 10.42
N SER D 12 23.38 10.60 11.35
CA SER D 12 22.17 9.85 11.62
C SER D 12 21.06 10.78 12.09
N ASP D 13 21.40 11.70 13.00
CA ASP D 13 20.42 12.63 13.55
C ASP D 13 19.83 13.47 12.43
N PHE D 14 20.69 13.92 11.52
CA PHE D 14 20.29 14.74 10.38
C PHE D 14 19.31 13.95 9.50
N PHE D 15 19.68 12.73 9.13
CA PHE D 15 18.86 11.95 8.23
C PHE D 15 17.50 11.66 8.88
N THR D 16 17.49 11.39 10.19
CA THR D 16 16.24 11.10 10.87
C THR D 16 15.33 12.32 10.84
N GLN D 17 15.89 13.51 11.07
CA GLN D 17 15.07 14.71 11.10
C GLN D 17 14.57 15.01 9.68
N LEU D 18 15.48 14.92 8.70
CA LEU D 18 15.14 15.22 7.31
C LEU D 18 13.98 14.33 6.87
N GLY D 19 14.01 13.08 7.32
CA GLY D 19 13.06 12.07 6.86
C GLY D 19 11.64 12.33 7.35
N GLN D 20 11.47 13.11 8.43
CA GLN D 20 10.14 13.22 9.03
C GLN D 20 9.65 14.67 9.10
N ASP D 21 10.51 15.63 8.75
CA ASP D 21 10.21 17.04 8.88
C ASP D 21 10.09 17.65 7.49
N ALA D 22 8.86 18.01 7.09
CA ALA D 22 8.57 18.41 5.73
C ALA D 22 9.15 19.80 5.44
N GLN D 23 9.30 20.61 6.49
CA GLN D 23 9.91 21.92 6.33
C GLN D 23 11.39 21.77 5.98
N LEU D 24 12.08 20.92 6.75
CA LEU D 24 13.49 20.68 6.51
C LEU D 24 13.68 19.99 5.16
N MET D 25 12.75 19.09 4.80
CA MET D 25 12.82 18.38 3.54
CA MET D 25 12.81 18.36 3.56
C MET D 25 12.75 19.39 2.39
N GLU D 26 11.83 20.36 2.47
CA GLU D 26 11.68 21.33 1.41
C GLU D 26 12.89 22.27 1.36
N ASP D 27 13.44 22.61 2.53
CA ASP D 27 14.62 23.45 2.60
C ASP D 27 15.79 22.71 1.93
N TYR D 28 15.91 21.42 2.24
CA TYR D 28 16.96 20.58 1.68
C TYR D 28 16.82 20.53 0.15
N LYS D 29 15.59 20.31 -0.33
CA LYS D 29 15.35 20.19 -1.76
C LYS D 29 15.79 21.47 -2.47
N GLN D 30 15.61 22.62 -1.82
CA GLN D 30 15.93 23.90 -2.45
C GLN D 30 17.44 24.09 -2.56
N ASN D 31 18.17 23.64 -1.54
CA ASN D 31 19.61 23.84 -1.50
C ASN D 31 20.27 22.72 -0.70
N PRO D 32 20.43 21.52 -1.29
CA PRO D 32 20.98 20.38 -0.57
C PRO D 32 22.31 20.66 0.13
N GLU D 33 23.26 21.26 -0.59
CA GLU D 33 24.60 21.41 -0.06
C GLU D 33 24.60 22.39 1.12
N ALA D 34 23.88 23.51 1.00
CA ALA D 34 23.83 24.49 2.08
C ALA D 34 23.23 23.84 3.33
N VAL D 35 22.14 23.08 3.16
CA VAL D 35 21.47 22.48 4.30
C VAL D 35 22.40 21.45 4.93
N MET D 36 23.07 20.64 4.11
CA MET D 36 23.95 19.61 4.64
C MET D 36 25.15 20.26 5.36
N ARG D 37 25.70 21.33 4.78
CA ARG D 37 26.83 22.01 5.39
C ARG D 37 26.41 22.58 6.76
N ALA D 38 25.21 23.15 6.81
CA ALA D 38 24.73 23.83 8.00
C ALA D 38 24.46 22.82 9.12
N HIS D 39 24.19 21.55 8.75
CA HIS D 39 23.92 20.52 9.73
C HIS D 39 25.19 19.71 10.02
N GLY D 40 26.33 20.20 9.52
CA GLY D 40 27.62 19.77 10.00
C GLY D 40 28.20 18.58 9.22
N LEU D 41 27.61 18.23 8.08
CA LEU D 41 28.14 17.12 7.28
C LEU D 41 29.52 17.50 6.74
N THR D 42 30.41 16.52 6.66
CA THR D 42 31.75 16.73 6.12
C THR D 42 31.68 16.75 4.60
N ASP D 43 32.76 17.22 3.97
CA ASP D 43 32.84 17.29 2.52
C ASP D 43 32.71 15.88 1.94
N GLU D 44 33.28 14.90 2.65
CA GLU D 44 33.28 13.51 2.20
C GLU D 44 31.87 12.94 2.30
N GLN D 45 31.12 13.35 3.32
CA GLN D 45 29.75 12.91 3.49
C GLN D 45 28.88 13.51 2.39
N ILE D 46 29.08 14.80 2.12
CA ILE D 46 28.32 15.51 1.11
C ILE D 46 28.61 14.91 -0.26
N ASN D 47 29.89 14.60 -0.52
CA ASN D 47 30.29 13.98 -1.78
C ASN D 47 29.55 12.65 -1.98
N ALA D 48 29.49 11.85 -0.92
CA ALA D 48 28.84 10.54 -0.98
C ALA D 48 27.37 10.71 -1.31
N VAL D 49 26.75 11.76 -0.76
CA VAL D 49 25.33 12.01 -0.99
C VAL D 49 25.14 12.38 -2.47
N MET D 50 25.98 13.30 -2.94
CA MET D 50 25.79 13.87 -4.27
C MET D 50 26.11 12.82 -5.34
N THR D 51 27.03 11.89 -5.04
CA THR D 51 27.40 10.85 -5.99
C THR D 51 26.49 9.62 -5.81
N GLY D 52 25.66 9.63 -4.75
CA GLY D 52 24.68 8.59 -4.53
C GLY D 52 25.31 7.29 -4.04
N ASP D 53 26.45 7.39 -3.35
CA ASP D 53 27.15 6.21 -2.84
C ASP D 53 26.71 5.94 -1.41
N MET D 54 25.71 5.05 -1.28
CA MET D 54 25.11 4.75 0.02
C MET D 54 26.07 3.92 0.87
N GLU D 55 26.91 3.12 0.21
CA GLU D 55 27.87 2.27 0.92
C GLU D 55 28.86 3.13 1.69
N LYS D 56 29.39 4.17 1.03
CA LYS D 56 30.39 5.03 1.63
C LYS D 56 29.76 5.79 2.80
N LEU D 57 28.52 6.27 2.58
CA LEU D 57 27.77 6.97 3.63
C LEU D 57 27.71 6.13 4.90
N LYS D 58 27.40 4.84 4.75
CA LYS D 58 27.22 3.96 5.89
C LYS D 58 28.56 3.83 6.63
N THR D 59 29.66 3.70 5.87
CA THR D 59 30.98 3.58 6.46
C THR D 59 31.27 4.83 7.29
N LEU D 60 30.78 5.98 6.81
CA LEU D 60 31.02 7.26 7.47
C LEU D 60 30.02 7.44 8.62
#